data_4DZ1
#
_entry.id   4DZ1
#
_cell.length_a   81.076
_cell.length_b   81.076
_cell.length_c   187.926
_cell.angle_alpha   90.00
_cell.angle_beta   90.00
_cell.angle_gamma   120.00
#
_symmetry.space_group_name_H-M   'P 61 2 2'
#
loop_
_entity.id
_entity.type
_entity.pdbx_description
1 polymer 'DalS D-Alanine transporter'
2 non-polymer D-ALANINE
3 water water
#
_entity_poly.entity_id   1
_entity_poly.type   'polypeptide(L)'
_entity_poly.pdbx_seq_one_letter_code
;(MSE)LSKKFGLS(MSE)IVLGI(MSE)SSSAFADSIVEGRTLNVAVSPASPP(MSE)LFKSADGKLQGIDLELFSSYCQ
SRHCKLNITEYAWDG(MSE)LGAVASGQADVAFSGISITDKRKKVIDFSEPYYINSFYLVS(MSE)ANHKITLNNLNELN
KYSIGYPRG(MSE)AYSDLIKNDLEPKGYYSLSKVKLYPTYNET(MSE)ADLKNGNLDLAFIEEPVYFTFKNKKK(MSE)
PIESRYVFKNVDQLGIAFKKGSPVRDDFNLWLKEQGPQKISGIVDSW(MSE)KHHHHHH
;
_entity_poly.pdbx_strand_id   A
#
# COMPACT_ATOMS: atom_id res chain seq x y z
N ILE A 25 -4.39 -3.11 27.30
CA ILE A 25 -5.81 -3.02 27.01
C ILE A 25 -6.24 -4.06 25.98
N VAL A 26 -5.28 -4.81 25.46
CA VAL A 26 -5.57 -5.83 24.46
C VAL A 26 -5.36 -7.23 25.01
N GLU A 27 -4.81 -7.30 26.21
CA GLU A 27 -4.50 -8.59 26.83
C GLU A 27 -5.70 -9.53 26.78
N GLY A 28 -5.51 -10.70 26.18
CA GLY A 28 -6.56 -11.68 26.05
C GLY A 28 -7.64 -11.29 25.04
N ARG A 29 -7.52 -10.08 24.50
CA ARG A 29 -8.52 -9.57 23.58
C ARG A 29 -8.31 -10.06 22.15
N THR A 30 -9.42 -10.24 21.44
CA THR A 30 -9.39 -10.66 20.05
C THR A 30 -9.73 -9.47 19.16
N LEU A 31 -8.88 -9.18 18.18
CA LEU A 31 -9.10 -8.05 17.31
C LEU A 31 -9.60 -8.48 15.95
N ASN A 32 -10.58 -7.76 15.42
CA ASN A 32 -11.03 -7.97 14.05
C ASN A 32 -10.11 -7.22 13.10
N VAL A 33 -9.48 -7.97 12.20
CA VAL A 33 -8.49 -7.38 11.29
C VAL A 33 -8.96 -7.52 9.86
N ALA A 34 -8.98 -6.41 9.12
CA ALA A 34 -9.33 -6.42 7.71
C ALA A 34 -8.06 -6.37 6.87
N VAL A 35 -7.95 -7.26 5.89
CA VAL A 35 -6.80 -7.25 4.98
C VAL A 35 -7.28 -7.38 3.55
N SER A 36 -6.39 -7.07 2.61
CA SER A 36 -6.67 -7.22 1.19
C SER A 36 -5.33 -7.53 0.54
N PRO A 37 -4.92 -8.82 0.60
CA PRO A 37 -3.53 -9.28 0.47
C PRO A 37 -3.03 -9.43 -0.96
N ALA A 38 -2.89 -8.31 -1.66
CA ALA A 38 -2.37 -8.32 -3.02
C ALA A 38 -1.36 -7.19 -3.19
N SER A 39 -0.64 -6.88 -2.12
CA SER A 39 0.38 -5.84 -2.13
C SER A 39 1.74 -6.38 -1.62
N PRO A 40 2.39 -7.26 -2.39
CA PRO A 40 3.67 -7.83 -1.95
C PRO A 40 4.78 -6.79 -1.96
N PRO A 41 5.71 -6.85 -0.98
CA PRO A 41 5.77 -7.85 0.09
C PRO A 41 5.10 -7.40 1.38
N LEU A 43 1.83 -7.40 2.16
CA LEU A 43 0.92 -8.49 2.50
C LEU A 43 0.47 -9.16 1.22
N PHE A 44 0.60 -10.48 1.18
CA PHE A 44 0.25 -11.25 -0.01
C PHE A 44 0.06 -12.71 0.39
N LYS A 45 -0.17 -13.57 -0.61
CA LYS A 45 -0.32 -15.00 -0.36
C LYS A 45 0.70 -15.78 -1.15
N SER A 46 1.25 -16.82 -0.54
CA SER A 46 2.13 -17.73 -1.27
C SER A 46 1.30 -18.65 -2.15
N ALA A 47 1.97 -19.52 -2.90
CA ALA A 47 1.29 -20.48 -3.77
C ALA A 47 0.29 -21.31 -2.98
N ASP A 48 0.72 -21.75 -1.80
CA ASP A 48 -0.10 -22.60 -0.95
C ASP A 48 -1.26 -21.86 -0.31
N GLY A 49 -1.39 -20.57 -0.59
CA GLY A 49 -2.49 -19.77 -0.09
C GLY A 49 -2.27 -19.19 1.29
N LYS A 50 -1.05 -19.29 1.79
CA LYS A 50 -0.74 -18.77 3.12
C LYS A 50 -0.54 -17.26 3.09
N LEU A 51 -1.24 -16.57 3.99
CA LEU A 51 -1.12 -15.13 4.14
C LEU A 51 0.26 -14.82 4.72
N GLN A 52 0.93 -13.80 4.19
CA GLN A 52 2.25 -13.44 4.70
C GLN A 52 2.73 -12.06 4.29
N GLY A 53 3.79 -11.60 4.94
CA GLY A 53 4.44 -10.34 4.58
C GLY A 53 4.82 -9.47 5.75
N ILE A 54 5.39 -8.30 5.44
CA ILE A 54 5.82 -7.34 6.45
C ILE A 54 4.73 -7.00 7.46
N ASP A 55 3.55 -6.68 6.97
CA ASP A 55 2.47 -6.19 7.84
C ASP A 55 2.08 -7.24 8.86
N LEU A 56 1.96 -8.49 8.39
CA LEU A 56 1.57 -9.58 9.28
C LEU A 56 2.68 -9.87 10.29
N GLU A 57 3.93 -9.86 9.85
CA GLU A 57 5.02 -10.08 10.80
C GLU A 57 5.04 -9.01 11.89
N LEU A 58 4.85 -7.76 11.50
CA LEU A 58 4.80 -6.67 12.46
C LEU A 58 3.65 -6.82 13.44
N PHE A 59 2.43 -6.96 12.93
CA PHE A 59 1.30 -6.97 13.84
C PHE A 59 1.18 -8.25 14.67
N SER A 60 1.56 -9.38 14.10
CA SER A 60 1.51 -10.62 14.88
C SER A 60 2.56 -10.61 15.99
N SER A 61 3.69 -9.92 15.76
CA SER A 61 4.70 -9.75 16.81
C SER A 61 4.19 -8.86 17.92
N TYR A 62 3.47 -7.80 17.54
CA TYR A 62 2.80 -6.95 18.52
C TYR A 62 1.86 -7.77 19.39
N CYS A 63 1.05 -8.62 18.76
CA CYS A 63 0.07 -9.39 19.50
C CYS A 63 0.69 -10.46 20.39
N GLN A 64 1.85 -10.98 19.99
CA GLN A 64 2.57 -11.94 20.82
C GLN A 64 3.04 -11.25 22.09
N SER A 65 3.36 -9.96 21.97
CA SER A 65 3.84 -9.17 23.10
C SER A 65 2.71 -8.77 24.04
N ARG A 66 1.58 -8.37 23.47
CA ARG A 66 0.45 -7.90 24.27
C ARG A 66 -0.56 -9.02 24.57
N HIS A 67 -0.28 -10.21 24.09
CA HIS A 67 -1.14 -11.37 24.34
C HIS A 67 -2.53 -11.21 23.75
N CYS A 68 -2.62 -10.71 22.52
CA CYS A 68 -3.90 -10.62 21.85
C CYS A 68 -3.95 -11.57 20.65
N LYS A 69 -5.15 -11.77 20.11
CA LYS A 69 -5.35 -12.68 18.99
C LYS A 69 -5.97 -11.95 17.83
N LEU A 70 -5.74 -12.45 16.61
CA LEU A 70 -6.27 -11.83 15.41
C LEU A 70 -7.37 -12.66 14.77
N ASN A 71 -8.48 -12.02 14.45
CA ASN A 71 -9.51 -12.62 13.60
C ASN A 71 -9.49 -11.92 12.25
N ILE A 72 -8.87 -12.55 11.26
CA ILE A 72 -8.57 -11.89 9.99
C ILE A 72 -9.62 -12.21 8.94
N THR A 73 -10.14 -11.17 8.30
CA THR A 73 -11.10 -11.33 7.20
C THR A 73 -10.53 -10.68 5.95
N GLU A 74 -10.58 -11.39 4.83
CA GLU A 74 -10.06 -10.87 3.56
C GLU A 74 -11.14 -10.11 2.79
N TYR A 75 -10.81 -8.90 2.37
CA TYR A 75 -11.70 -8.03 1.59
C TYR A 75 -11.06 -7.62 0.28
N ALA A 76 -11.87 -7.05 -0.62
CA ALA A 76 -11.32 -6.29 -1.73
C ALA A 76 -10.79 -4.99 -1.12
N TRP A 77 -10.01 -4.23 -1.89
CA TRP A 77 -9.32 -3.06 -1.34
C TRP A 77 -10.29 -2.09 -0.66
N ASP A 78 -11.38 -1.75 -1.35
CA ASP A 78 -12.30 -0.74 -0.81
C ASP A 78 -13.08 -1.31 0.38
N GLY A 79 -13.28 -2.62 0.38
CA GLY A 79 -13.96 -3.28 1.48
C GLY A 79 -13.14 -3.21 2.76
N LEU A 81 -10.67 -0.85 3.53
CA LEU A 81 -10.70 0.53 4.02
C LEU A 81 -12.07 0.89 4.60
N GLY A 82 -13.13 0.43 3.96
CA GLY A 82 -14.48 0.68 4.46
C GLY A 82 -14.70 0.10 5.85
N ALA A 83 -14.22 -1.12 6.07
CA ALA A 83 -14.45 -1.82 7.34
C ALA A 83 -13.74 -1.13 8.50
N VAL A 84 -12.52 -0.68 8.28
CA VAL A 84 -11.83 0.00 9.37
C VAL A 84 -12.37 1.43 9.56
N ALA A 85 -12.79 2.08 8.48
CA ALA A 85 -13.41 3.39 8.58
C ALA A 85 -14.76 3.38 9.33
N SER A 86 -15.50 2.28 9.22
CA SER A 86 -16.82 2.21 9.87
C SER A 86 -16.70 1.73 11.31
N GLY A 87 -15.54 1.17 11.65
CA GLY A 87 -15.37 0.53 12.95
C GLY A 87 -15.78 -0.93 12.96
N GLN A 88 -16.23 -1.45 11.80
CA GLN A 88 -16.46 -2.89 11.66
C GLN A 88 -15.18 -3.65 12.01
N ALA A 89 -14.05 -3.17 11.52
CA ALA A 89 -12.75 -3.77 11.85
C ALA A 89 -12.03 -2.92 12.90
N ASP A 90 -11.25 -3.55 13.77
CA ASP A 90 -10.44 -2.81 14.74
C ASP A 90 -9.15 -2.32 14.11
N VAL A 91 -8.63 -3.11 13.17
CA VAL A 91 -7.31 -2.91 12.58
C VAL A 91 -7.41 -3.27 11.10
N ALA A 92 -6.61 -2.62 10.27
CA ALA A 92 -6.47 -3.03 8.87
C ALA A 92 -5.01 -2.88 8.44
N PHE A 93 -4.55 -3.79 7.60
CA PHE A 93 -3.23 -3.62 6.98
C PHE A 93 -3.13 -4.37 5.65
N SER A 94 -2.34 -3.79 4.74
CA SER A 94 -1.96 -4.40 3.45
C SER A 94 -1.19 -3.33 2.68
N GLY A 95 -0.11 -2.82 3.27
CA GLY A 95 0.66 -1.74 2.68
C GLY A 95 -0.21 -0.50 2.42
N ILE A 96 -0.87 -0.02 3.47
CA ILE A 96 -1.78 1.12 3.36
C ILE A 96 -1.06 2.46 3.53
N SER A 97 -1.21 3.34 2.54
CA SER A 97 -0.66 4.69 2.59
C SER A 97 -1.39 5.59 3.58
N ILE A 98 -0.64 6.37 4.33
CA ILE A 98 -1.21 7.31 5.28
C ILE A 98 -1.53 8.61 4.54
N THR A 99 -2.78 8.81 4.15
CA THR A 99 -3.16 10.01 3.42
C THR A 99 -4.04 10.94 4.26
N ASP A 100 -4.07 12.22 3.91
CA ASP A 100 -4.91 13.19 4.63
C ASP A 100 -6.37 12.80 4.61
N LYS A 101 -6.83 12.35 3.45
CA LYS A 101 -8.22 11.92 3.30
C LYS A 101 -8.55 10.78 4.27
N ARG A 102 -7.69 9.75 4.28
CA ARG A 102 -7.92 8.59 5.14
C ARG A 102 -7.82 8.93 6.62
N LYS A 103 -6.92 9.85 6.98
CA LYS A 103 -6.76 10.24 8.37
C LYS A 103 -8.00 10.86 9.01
N LYS A 104 -8.90 11.38 8.18
CA LYS A 104 -10.13 11.96 8.69
C LYS A 104 -11.04 10.90 9.29
N VAL A 105 -10.92 9.66 8.82
CA VAL A 105 -11.83 8.59 9.24
C VAL A 105 -11.13 7.37 9.85
N ILE A 106 -9.80 7.37 9.82
CA ILE A 106 -9.00 6.24 10.29
C ILE A 106 -7.81 6.77 11.10
N ASP A 107 -7.43 6.08 12.17
CA ASP A 107 -6.22 6.43 12.92
C ASP A 107 -5.04 5.54 12.49
N PHE A 108 -3.90 6.14 12.16
CA PHE A 108 -2.75 5.36 11.71
C PHE A 108 -1.63 5.28 12.73
N SER A 109 -0.88 4.18 12.70
CA SER A 109 0.40 4.10 13.41
C SER A 109 1.37 5.11 12.82
N GLU A 110 2.50 5.31 13.49
CA GLU A 110 3.61 5.98 12.85
C GLU A 110 4.02 5.13 11.66
N PRO A 111 4.64 5.75 10.64
CA PRO A 111 4.99 5.00 9.43
C PRO A 111 6.06 3.96 9.68
N TYR A 112 6.00 2.82 8.98
CA TYR A 112 7.08 1.84 9.05
C TYR A 112 7.90 1.85 7.76
N TYR A 113 7.50 2.68 6.80
CA TYR A 113 8.23 2.73 5.53
C TYR A 113 7.98 4.04 4.79
N ILE A 114 9.05 4.66 4.26
CA ILE A 114 8.92 5.86 3.44
C ILE A 114 8.87 5.44 1.98
N ASN A 115 7.75 5.74 1.32
CA ASN A 115 7.36 5.09 0.07
C ASN A 115 7.52 6.04 -1.14
N SER A 116 7.75 5.47 -2.32
CA SER A 116 7.86 6.24 -3.56
C SER A 116 6.92 5.64 -4.60
N PHE A 117 6.37 6.45 -5.50
CA PHE A 117 5.47 5.94 -6.55
C PHE A 117 6.18 5.97 -7.91
N TYR A 118 6.18 4.87 -8.65
CA TYR A 118 6.81 4.83 -9.98
C TYR A 118 5.77 4.78 -11.09
N LEU A 119 6.06 5.43 -12.21
CA LEU A 119 5.30 5.18 -13.44
C LEU A 119 6.10 4.19 -14.26
N VAL A 120 5.48 3.08 -14.65
CA VAL A 120 6.18 1.91 -15.15
C VAL A 120 5.67 1.50 -16.53
N SER A 121 6.56 1.21 -17.47
CA SER A 121 6.13 0.67 -18.76
C SER A 121 6.74 -0.70 -19.00
N ALA A 123 9.47 -2.96 -20.85
CA ALA A 123 10.84 -2.56 -21.17
C ALA A 123 11.02 -2.22 -22.65
N ASN A 124 10.24 -2.86 -23.53
CA ASN A 124 10.37 -2.62 -24.95
C ASN A 124 9.57 -1.40 -25.45
N HIS A 125 8.87 -0.75 -24.52
CA HIS A 125 8.04 0.41 -24.87
C HIS A 125 8.79 1.62 -24.37
N LYS A 126 9.44 2.33 -25.27
CA LYS A 126 10.45 3.31 -24.88
C LYS A 126 9.85 4.68 -24.58
N ILE A 127 9.16 4.78 -23.45
CA ILE A 127 8.57 6.04 -23.04
C ILE A 127 9.59 6.84 -22.23
N THR A 128 9.99 7.98 -22.75
CA THR A 128 10.94 8.85 -22.03
C THR A 128 10.17 10.03 -21.44
N LEU A 129 10.25 10.20 -20.13
CA LEU A 129 9.50 11.27 -19.49
C LEU A 129 10.41 12.36 -18.93
N ASN A 130 10.42 13.51 -19.59
CA ASN A 130 11.25 14.64 -19.14
C ASN A 130 10.66 15.39 -17.95
N ASN A 131 9.34 15.48 -17.92
CA ASN A 131 8.66 16.26 -16.89
C ASN A 131 7.17 15.94 -16.92
N LEU A 132 6.42 16.51 -16.00
CA LEU A 132 5.01 16.14 -15.83
C LEU A 132 4.11 16.61 -16.99
N ASN A 133 4.59 17.57 -17.77
CA ASN A 133 3.85 18.07 -18.94
C ASN A 133 3.74 17.03 -20.03
N GLU A 134 4.46 15.93 -19.90
CA GLU A 134 4.48 14.91 -20.94
C GLU A 134 3.54 13.73 -20.67
N LEU A 135 2.89 13.73 -19.51
CA LEU A 135 2.05 12.60 -19.11
C LEU A 135 0.77 12.46 -19.92
N ASN A 136 0.23 13.59 -20.37
CA ASN A 136 -1.11 13.63 -20.96
C ASN A 136 -1.31 12.70 -22.13
N LYS A 137 -0.26 12.45 -22.91
CA LYS A 137 -0.43 11.62 -24.09
C LYS A 137 -0.46 10.11 -23.81
N TYR A 138 -0.29 9.72 -22.55
CA TYR A 138 -0.27 8.31 -22.19
C TYR A 138 -1.45 7.90 -21.33
N SER A 139 -1.86 6.64 -21.42
CA SER A 139 -2.84 6.09 -20.48
C SER A 139 -2.11 5.66 -19.22
N ILE A 140 -2.68 6.02 -18.06
CA ILE A 140 -2.11 5.64 -16.77
C ILE A 140 -3.15 4.80 -16.02
N GLY A 141 -2.70 3.71 -15.40
CA GLY A 141 -3.62 2.79 -14.73
C GLY A 141 -3.08 2.24 -13.42
N TYR A 142 -3.98 1.87 -12.52
CA TYR A 142 -3.62 1.35 -11.19
C TYR A 142 -4.85 0.79 -10.51
N PRO A 143 -4.68 0.15 -9.35
CA PRO A 143 -5.83 -0.46 -8.66
C PRO A 143 -6.82 0.56 -8.09
N ARG A 144 -8.11 0.29 -8.29
CA ARG A 144 -9.17 1.17 -7.81
C ARG A 144 -9.07 1.39 -6.31
N GLY A 145 -9.21 2.63 -5.88
CA GLY A 145 -9.26 2.94 -4.46
C GLY A 145 -7.89 3.22 -3.85
N ALA A 147 -4.00 5.18 -3.49
CA ALA A 147 -3.68 6.58 -3.20
C ALA A 147 -3.17 7.39 -4.40
N TYR A 148 -2.91 6.72 -5.52
CA TYR A 148 -2.51 7.39 -6.74
C TYR A 148 -3.57 8.41 -7.15
N SER A 149 -4.83 8.10 -6.91
CA SER A 149 -5.92 9.02 -7.23
C SER A 149 -5.76 10.36 -6.51
N ASP A 150 -5.36 10.31 -5.25
CA ASP A 150 -5.15 11.53 -4.47
C ASP A 150 -4.03 12.37 -5.08
N LEU A 151 -2.93 11.71 -5.42
CA LEU A 151 -1.80 12.39 -6.03
C LEU A 151 -2.26 13.11 -7.29
N ILE A 152 -3.02 12.43 -8.13
CA ILE A 152 -3.50 13.03 -9.37
C ILE A 152 -4.46 14.17 -9.10
N LYS A 153 -5.46 13.93 -8.26
CA LYS A 153 -6.49 14.93 -7.98
C LYS A 153 -5.90 16.19 -7.36
N ASN A 154 -4.87 16.03 -6.52
CA ASN A 154 -4.33 17.16 -5.76
C ASN A 154 -3.07 17.80 -6.33
N ASP A 155 -2.24 17.02 -7.02
CA ASP A 155 -0.94 17.52 -7.46
C ASP A 155 -0.78 17.65 -8.98
N LEU A 156 -1.47 16.80 -9.74
CA LEU A 156 -1.33 16.82 -11.19
C LEU A 156 -2.47 17.54 -11.88
N GLU A 157 -3.70 17.25 -11.48
CA GLU A 157 -4.87 17.79 -12.16
C GLU A 157 -4.92 19.32 -12.15
N PRO A 158 -4.75 19.94 -10.97
CA PRO A 158 -4.80 21.40 -10.87
C PRO A 158 -3.80 22.10 -11.78
N LYS A 159 -2.68 21.43 -12.06
CA LYS A 159 -1.64 22.00 -12.91
C LYS A 159 -1.83 21.62 -14.38
N GLY A 160 -2.85 20.81 -14.66
CA GLY A 160 -3.15 20.37 -16.00
C GLY A 160 -2.24 19.29 -16.55
N TYR A 161 -1.56 18.56 -15.67
CA TYR A 161 -0.65 17.49 -16.08
C TYR A 161 -1.38 16.19 -16.40
N TYR A 162 -2.48 15.95 -15.71
CA TYR A 162 -3.27 14.76 -15.97
C TYR A 162 -4.65 14.94 -15.36
N SER A 163 -5.59 14.10 -15.80
CA SER A 163 -6.94 14.20 -15.32
C SER A 163 -7.40 12.86 -14.79
N LEU A 164 -8.03 12.88 -13.61
CA LEU A 164 -8.54 11.68 -13.01
C LEU A 164 -9.50 10.96 -13.96
N SER A 165 -10.16 11.74 -14.82
CA SER A 165 -11.15 11.19 -15.74
C SER A 165 -10.50 10.30 -16.79
N LYS A 166 -9.19 10.41 -16.94
CA LYS A 166 -8.48 9.66 -17.97
C LYS A 166 -7.80 8.38 -17.46
N VAL A 167 -7.82 8.13 -16.16
CA VAL A 167 -7.12 6.96 -15.63
C VAL A 167 -7.90 5.68 -15.91
N LYS A 168 -7.18 4.56 -15.96
CA LYS A 168 -7.80 3.25 -16.05
C LYS A 168 -7.66 2.55 -14.71
N LEU A 169 -8.77 2.07 -14.15
CA LEU A 169 -8.74 1.45 -12.84
C LEU A 169 -8.94 -0.06 -12.91
N TYR A 170 -8.28 -0.78 -12.02
CA TYR A 170 -8.32 -2.24 -12.03
C TYR A 170 -8.59 -2.74 -10.62
N PRO A 171 -9.04 -4.01 -10.51
CA PRO A 171 -9.26 -4.61 -9.17
C PRO A 171 -7.98 -4.72 -8.33
N THR A 172 -6.86 -5.12 -8.94
CA THR A 172 -5.62 -5.33 -8.20
C THR A 172 -4.42 -5.00 -9.09
N TYR A 173 -3.22 -5.08 -8.51
CA TYR A 173 -2.02 -4.87 -9.30
C TYR A 173 -1.89 -5.93 -10.39
N ASN A 174 -2.38 -7.14 -10.12
CA ASN A 174 -2.27 -8.21 -11.12
C ASN A 174 -3.00 -7.91 -12.42
N GLU A 175 -4.24 -7.43 -12.33
CA GLU A 175 -4.98 -7.03 -13.54
C GLU A 175 -4.37 -5.81 -14.23
N THR A 176 -3.83 -4.89 -13.42
CA THR A 176 -3.13 -3.72 -13.97
C THR A 176 -1.94 -4.20 -14.81
N ALA A 178 -1.51 -7.05 -16.18
CA ALA A 178 -1.94 -7.80 -17.34
C ALA A 178 -2.20 -6.89 -18.54
N ASP A 179 -2.80 -5.73 -18.29
CA ASP A 179 -3.05 -4.75 -19.36
C ASP A 179 -1.75 -4.05 -19.82
N LEU A 180 -0.81 -3.91 -18.90
CA LEU A 180 0.50 -3.40 -19.29
C LEU A 180 1.15 -4.42 -20.24
N LYS A 181 1.08 -5.69 -19.87
CA LYS A 181 1.75 -6.74 -20.65
C LYS A 181 1.21 -6.91 -22.06
N ASN A 182 -0.11 -6.77 -22.24
CA ASN A 182 -0.69 -6.98 -23.57
C ASN A 182 -0.73 -5.71 -24.41
N GLY A 183 -0.25 -4.61 -23.84
CA GLY A 183 -0.14 -3.37 -24.58
C GLY A 183 -1.35 -2.45 -24.50
N ASN A 184 -2.38 -2.87 -23.79
CA ASN A 184 -3.60 -2.06 -23.65
C ASN A 184 -3.40 -0.79 -22.80
N LEU A 185 -2.42 -0.83 -21.89
CA LEU A 185 -2.15 0.27 -20.98
C LEU A 185 -0.72 0.72 -21.21
N ASP A 186 -0.47 2.03 -21.26
CA ASP A 186 0.90 2.55 -21.47
C ASP A 186 1.77 2.52 -20.21
N LEU A 187 1.21 3.03 -19.12
CA LEU A 187 1.98 3.19 -17.88
C LEU A 187 1.15 2.72 -16.70
N ALA A 188 1.77 1.94 -15.82
CA ALA A 188 1.11 1.56 -14.56
C ALA A 188 1.71 2.40 -13.44
N PHE A 189 0.86 2.83 -12.50
CA PHE A 189 1.33 3.53 -11.30
C PHE A 189 1.59 2.45 -10.24
N ILE A 190 2.84 2.26 -9.84
CA ILE A 190 3.16 1.16 -8.93
C ILE A 190 4.12 1.63 -7.85
N GLU A 191 3.76 1.45 -6.58
CA GLU A 191 4.65 1.83 -5.49
C GLU A 191 5.91 0.98 -5.47
N GLU A 192 6.99 1.58 -4.97
CA GLU A 192 8.33 1.01 -5.06
C GLU A 192 8.47 -0.48 -4.67
N PRO A 193 7.98 -0.88 -3.49
CA PRO A 193 8.18 -2.27 -3.05
C PRO A 193 7.48 -3.28 -3.95
N VAL A 194 6.30 -2.92 -4.46
CA VAL A 194 5.58 -3.78 -5.39
C VAL A 194 6.31 -3.86 -6.72
N TYR A 195 6.79 -2.70 -7.20
CA TYR A 195 7.58 -2.66 -8.44
C TYR A 195 8.76 -3.60 -8.36
N PHE A 196 9.51 -3.54 -7.26
CA PHE A 196 10.67 -4.42 -7.13
C PHE A 196 10.30 -5.91 -7.01
N THR A 197 9.17 -6.21 -6.41
CA THR A 197 8.65 -7.57 -6.42
C THR A 197 8.42 -8.08 -7.85
N PHE A 198 7.70 -7.29 -8.65
CA PHE A 198 7.41 -7.70 -10.04
C PHE A 198 8.69 -7.78 -10.89
N LYS A 199 9.58 -6.82 -10.71
CA LYS A 199 10.75 -6.72 -11.58
C LYS A 199 11.85 -7.71 -11.18
N ASN A 200 12.13 -7.80 -9.89
CA ASN A 200 13.28 -8.60 -9.43
C ASN A 200 12.93 -9.99 -8.94
N LYS A 201 11.81 -10.14 -8.25
CA LYS A 201 11.41 -11.46 -7.78
C LYS A 201 10.73 -12.24 -8.89
N LYS A 202 9.77 -11.61 -9.57
CA LYS A 202 9.03 -12.28 -10.63
C LYS A 202 9.71 -12.16 -11.99
N LYS A 203 10.72 -11.31 -12.09
CA LYS A 203 11.49 -11.17 -13.33
C LYS A 203 10.68 -10.66 -14.54
N PRO A 205 9.63 -8.15 -17.41
CA PRO A 205 10.41 -7.19 -18.20
C PRO A 205 9.76 -5.81 -18.22
N ILE A 206 9.79 -5.13 -17.08
CA ILE A 206 9.19 -3.80 -16.93
C ILE A 206 10.28 -2.82 -16.52
N GLU A 207 10.04 -1.52 -16.71
CA GLU A 207 11.04 -0.49 -16.38
C GLU A 207 10.34 0.77 -15.85
N SER A 208 10.84 1.34 -14.76
CA SER A 208 10.30 2.64 -14.34
C SER A 208 10.66 3.69 -15.39
N ARG A 209 9.79 4.68 -15.57
CA ARG A 209 10.04 5.76 -16.51
C ARG A 209 10.03 7.12 -15.77
N TYR A 210 9.41 7.14 -14.60
CA TYR A 210 9.36 8.36 -13.79
C TYR A 210 9.19 7.95 -12.33
N VAL A 211 9.86 8.67 -11.42
CA VAL A 211 9.77 8.35 -9.99
C VAL A 211 9.29 9.54 -9.17
N PHE A 212 8.25 9.35 -8.38
CA PHE A 212 7.85 10.34 -7.36
C PHE A 212 8.52 9.94 -6.04
N LYS A 213 9.64 10.56 -5.73
CA LYS A 213 10.53 10.07 -4.66
C LYS A 213 10.07 10.44 -3.25
N ASN A 214 9.90 9.44 -2.38
CA ASN A 214 9.56 9.68 -0.97
C ASN A 214 8.33 10.54 -0.76
N VAL A 215 7.30 10.34 -1.57
CA VAL A 215 6.12 11.18 -1.48
C VAL A 215 5.05 10.56 -0.58
N ASP A 216 5.32 9.37 -0.06
CA ASP A 216 4.28 8.59 0.62
C ASP A 216 4.83 7.91 1.87
N GLN A 217 3.94 7.45 2.76
CA GLN A 217 4.34 6.72 3.95
C GLN A 217 3.35 5.58 4.18
N LEU A 218 3.84 4.42 4.59
CA LEU A 218 2.96 3.29 4.89
C LEU A 218 2.80 3.11 6.40
N GLY A 219 1.59 2.75 6.83
CA GLY A 219 1.34 2.55 8.25
C GLY A 219 0.28 1.48 8.48
N ILE A 220 0.10 1.08 9.73
CA ILE A 220 -1.00 0.18 10.10
C ILE A 220 -2.21 1.05 10.45
N ALA A 221 -3.40 0.64 10.01
CA ALA A 221 -4.64 1.40 10.21
C ALA A 221 -5.45 0.87 11.40
N PHE A 222 -6.10 1.78 12.13
CA PHE A 222 -6.94 1.40 13.28
C PHE A 222 -8.27 2.16 13.23
N LYS A 223 -9.32 1.61 13.83
CA LYS A 223 -10.57 2.33 13.84
C LYS A 223 -10.39 3.64 14.62
N LYS A 224 -11.10 4.68 14.20
CA LYS A 224 -10.94 6.01 14.78
C LYS A 224 -11.15 5.93 16.30
N GLY A 225 -10.21 6.50 17.05
CA GLY A 225 -10.30 6.51 18.51
C GLY A 225 -9.75 5.28 19.21
N SER A 226 -9.21 4.32 18.45
CA SER A 226 -8.75 3.08 19.07
C SER A 226 -7.52 3.29 19.93
N PRO A 227 -7.53 2.77 21.17
CA PRO A 227 -6.32 2.82 22.02
C PRO A 227 -5.25 1.87 21.49
N VAL A 228 -5.65 0.93 20.64
CA VAL A 228 -4.67 0.02 20.07
C VAL A 228 -3.65 0.78 19.20
N ARG A 229 -4.08 1.86 18.56
CA ARG A 229 -3.15 2.67 17.76
C ARG A 229 -2.02 3.19 18.64
N ASP A 230 -2.38 3.72 19.81
CA ASP A 230 -1.40 4.28 20.74
C ASP A 230 -0.47 3.22 21.30
N ASP A 231 -1.02 2.07 21.66
CA ASP A 231 -0.20 0.99 22.21
C ASP A 231 0.70 0.35 21.16
N PHE A 232 0.20 0.25 19.93
CA PHE A 232 1.04 -0.22 18.82
C PHE A 232 2.20 0.77 18.59
N ASN A 233 1.92 2.07 18.65
CA ASN A 233 3.00 3.05 18.56
C ASN A 233 4.04 2.83 19.65
N LEU A 234 3.56 2.51 20.86
CA LEU A 234 4.48 2.24 21.97
C LEU A 234 5.36 1.04 21.65
N TRP A 235 4.74 -0.01 21.12
CA TRP A 235 5.46 -1.23 20.77
C TRP A 235 6.51 -0.96 19.69
N LEU A 236 6.15 -0.19 18.67
CA LEU A 236 7.13 0.19 17.64
C LEU A 236 8.37 0.84 18.26
N LYS A 237 8.15 1.66 19.28
CA LYS A 237 9.25 2.38 19.93
C LYS A 237 10.04 1.47 20.87
N GLU A 238 9.36 0.51 21.48
CA GLU A 238 10.03 -0.50 22.30
C GLU A 238 10.98 -1.31 21.43
N GLN A 239 10.53 -1.66 20.22
CA GLN A 239 11.34 -2.40 19.29
C GLN A 239 12.53 -1.58 18.77
N GLY A 240 12.27 -0.32 18.44
CA GLY A 240 13.31 0.56 17.93
C GLY A 240 13.43 0.48 16.42
N PRO A 241 13.92 1.56 15.81
CA PRO A 241 14.08 1.74 14.36
C PRO A 241 14.83 0.59 13.67
N GLN A 242 15.91 0.11 14.27
CA GLN A 242 16.72 -0.91 13.59
C GLN A 242 15.99 -2.24 13.47
N LYS A 243 15.27 -2.62 14.52
CA LYS A 243 14.51 -3.86 14.49
C LYS A 243 13.39 -3.79 13.46
N ILE A 244 12.67 -2.67 13.44
CA ILE A 244 11.57 -2.47 12.49
C ILE A 244 12.09 -2.44 11.05
N SER A 245 13.11 -1.62 10.81
CA SER A 245 13.70 -1.52 9.47
C SER A 245 14.25 -2.86 9.01
N GLY A 246 14.74 -3.66 9.97
CA GLY A 246 15.27 -4.98 9.67
C GLY A 246 14.19 -5.93 9.20
N ILE A 247 13.04 -5.87 9.86
CA ILE A 247 11.89 -6.65 9.44
C ILE A 247 11.46 -6.24 8.03
N VAL A 248 11.33 -4.95 7.81
CA VAL A 248 10.94 -4.42 6.49
C VAL A 248 11.91 -4.86 5.40
N ASP A 249 13.20 -4.68 5.65
CA ASP A 249 14.24 -5.01 4.68
C ASP A 249 14.32 -6.49 4.36
N SER A 250 14.10 -7.34 5.37
CA SER A 250 14.18 -8.79 5.16
C SER A 250 13.21 -9.24 4.08
N TRP A 251 12.05 -8.57 3.99
CA TRP A 251 11.03 -8.94 3.01
C TRP A 251 11.30 -8.34 1.64
N LYS A 253 14.05 -8.23 0.10
CA LYS A 253 15.29 -8.82 -0.40
C LYS A 253 16.50 -8.01 0.09
#